data_4YMY
#
_entry.id   4YMY
#
_cell.length_a   59.654
_cell.length_b   79.285
_cell.length_c   36.409
_cell.angle_alpha   90.00
_cell.angle_beta   90.00
_cell.angle_gamma   90.00
#
_symmetry.space_group_name_H-M   'P 21 21 2'
#
loop_
_entity.id
_entity.type
_entity.pdbx_description
1 polymer 'UPF0678 fatty acid-binding protein-like protein At1g79260'
2 non-polymer GLYCEROL
3 water water
#
_entity_poly.entity_id   1
_entity_poly.type   'polypeptide(L)'
_entity_poly.pdbx_seq_one_letter_code
;MWSHPQFEKNQLQQLQNPGESPPVHPFVAPLSYLLGTWRGQGEGEYPTIPSFRYGEEIRFSHSGKPVIAYTQKTWKLESG
APALAESGYFRPRPDGSIEVVIACSTGLVEVQKGTYNVDEQSIKLKSDLVGNASKVKEISREFELVDGKLSYVVRLSTTT
NPLQPALKAILDKL
;
_entity_poly.pdbx_strand_id   A
#
loop_
_chem_comp.id
_chem_comp.type
_chem_comp.name
_chem_comp.formula
GOL non-polymer GLYCEROL 'C3 H8 O3'
#
# COMPACT_ATOMS: atom_id res chain seq x y z
N PRO A 22 2.96 -18.77 15.17
CA PRO A 22 4.07 -18.00 15.76
C PRO A 22 3.66 -16.71 16.46
N PRO A 23 4.34 -16.39 17.54
CA PRO A 23 4.00 -15.12 18.19
C PRO A 23 4.35 -13.94 17.31
N VAL A 24 3.69 -12.80 17.52
CA VAL A 24 4.02 -11.59 16.86
C VAL A 24 5.38 -11.07 17.35
N HIS A 25 6.29 -10.78 16.44
CA HIS A 25 7.59 -10.27 16.79
C HIS A 25 7.43 -8.92 17.50
N PRO A 26 8.29 -8.58 18.45
CA PRO A 26 8.20 -7.26 19.11
C PRO A 26 8.22 -6.13 18.12
N PHE A 27 8.94 -6.19 16.99
CA PHE A 27 8.97 -5.06 16.07
C PHE A 27 7.66 -4.90 15.30
N VAL A 28 6.92 -6.02 15.15
CA VAL A 28 5.65 -6.01 14.43
C VAL A 28 4.50 -5.59 15.31
N ALA A 29 4.60 -5.86 16.64
CA ALA A 29 3.49 -5.62 17.54
C ALA A 29 2.84 -4.23 17.42
N PRO A 30 3.63 -3.14 17.27
CA PRO A 30 2.95 -1.84 17.16
C PRO A 30 2.02 -1.70 15.96
N LEU A 31 2.24 -2.51 14.93
CA LEU A 31 1.42 -2.53 13.72
C LEU A 31 0.49 -3.72 13.69
N SER A 32 0.21 -4.34 14.84
CA SER A 32 -0.64 -5.52 14.84
C SER A 32 -2.04 -5.20 14.37
N TYR A 33 -2.48 -3.94 14.45
CA TYR A 33 -3.80 -3.55 13.95
C TYR A 33 -3.96 -3.84 12.45
N LEU A 34 -2.85 -3.99 11.71
CA LEU A 34 -2.94 -4.31 10.29
C LEU A 34 -3.28 -5.75 10.02
N LEU A 35 -2.91 -6.65 10.91
CA LEU A 35 -2.93 -8.08 10.61
C LEU A 35 -4.34 -8.55 10.36
N GLY A 36 -4.53 -9.25 9.24
CA GLY A 36 -5.85 -9.69 8.82
C GLY A 36 -6.08 -9.36 7.36
N THR A 37 -7.33 -9.51 6.96
CA THR A 37 -7.74 -9.25 5.59
C THR A 37 -8.71 -8.10 5.59
N TRP A 38 -8.64 -7.28 4.56
CA TRP A 38 -9.35 -6.03 4.41
C TRP A 38 -9.97 -6.00 3.02
N ARG A 39 -11.19 -5.46 2.90
CA ARG A 39 -11.80 -5.34 1.57
C ARG A 39 -12.54 -4.02 1.48
N GLY A 40 -12.41 -3.34 0.35
CA GLY A 40 -13.16 -2.11 0.14
C GLY A 40 -13.05 -1.67 -1.30
N GLN A 41 -12.99 -0.37 -1.48
CA GLN A 41 -13.00 0.18 -2.83
C GLN A 41 -12.24 1.45 -2.84
N GLY A 42 -11.83 1.81 -4.04
CA GLY A 42 -11.04 3.00 -4.21
C GLY A 42 -11.35 3.73 -5.50
N GLU A 43 -10.65 4.81 -5.69
CA GLU A 43 -10.81 5.67 -6.85
C GLU A 43 -9.46 6.10 -7.29
N GLY A 44 -9.25 6.14 -8.61
CA GLY A 44 -8.02 6.66 -9.20
C GLY A 44 -8.31 7.84 -10.10
N GLU A 45 -7.36 8.71 -10.21
CA GLU A 45 -7.42 9.84 -11.11
C GLU A 45 -6.07 10.45 -11.18
N TYR A 46 -5.68 10.96 -12.36
CA TYR A 46 -4.34 11.51 -12.51
C TYR A 46 -4.40 12.33 -13.81
N PRO A 47 -3.55 13.39 -13.94
CA PRO A 47 -3.52 14.04 -15.25
C PRO A 47 -3.39 13.03 -16.38
N THR A 48 -4.27 13.20 -17.37
CA THR A 48 -4.43 12.32 -18.55
C THR A 48 -5.06 10.92 -18.33
N ILE A 49 -5.42 10.62 -17.10
CA ILE A 49 -6.05 9.41 -16.75
C ILE A 49 -7.44 9.73 -16.18
N PRO A 50 -8.49 9.46 -16.96
CA PRO A 50 -9.83 9.72 -16.47
C PRO A 50 -10.13 8.97 -15.18
N SER A 51 -10.90 9.61 -14.30
CA SER A 51 -11.26 8.96 -13.06
C SER A 51 -11.88 7.60 -13.22
N PHE A 52 -11.56 6.69 -12.30
CA PHE A 52 -12.07 5.35 -12.35
C PHE A 52 -12.18 4.85 -10.90
N ARG A 53 -12.98 3.83 -10.73
CA ARG A 53 -13.16 3.17 -9.46
CA ARG A 53 -13.17 3.16 -9.45
C ARG A 53 -12.78 1.71 -9.52
N TYR A 54 -12.47 1.11 -8.37
CA TYR A 54 -12.01 -0.26 -8.34
C TYR A 54 -12.35 -0.86 -6.96
N GLY A 55 -12.43 -2.17 -6.93
CA GLY A 55 -12.47 -2.88 -5.66
C GLY A 55 -11.07 -3.33 -5.26
N GLU A 56 -10.87 -3.52 -3.97
CA GLU A 56 -9.53 -3.86 -3.48
C GLU A 56 -9.62 -4.75 -2.28
N GLU A 57 -8.67 -5.69 -2.18
CA GLU A 57 -8.50 -6.57 -1.03
C GLU A 57 -7.04 -6.56 -0.65
N ILE A 58 -6.75 -6.45 0.65
CA ILE A 58 -5.40 -6.48 1.19
C ILE A 58 -5.33 -7.50 2.28
N ARG A 59 -4.27 -8.29 2.32
CA ARG A 59 -3.99 -9.14 3.46
CA ARG A 59 -3.98 -9.15 3.46
C ARG A 59 -2.62 -8.80 4.00
N PHE A 60 -2.55 -8.64 5.32
CA PHE A 60 -1.32 -8.52 6.07
C PHE A 60 -1.18 -9.74 6.96
N SER A 61 -0.03 -10.40 6.90
CA SER A 61 0.21 -11.60 7.65
C SER A 61 1.64 -11.63 8.16
N HIS A 62 1.97 -12.60 9.00
CA HIS A 62 3.35 -12.69 9.49
C HIS A 62 3.65 -14.13 9.85
N SER A 63 4.96 -14.37 10.08
CA SER A 63 5.42 -15.70 10.46
CA SER A 63 5.50 -15.68 10.41
C SER A 63 6.41 -15.63 11.62
N GLY A 64 6.25 -14.61 12.48
CA GLY A 64 7.07 -14.45 13.68
C GLY A 64 8.36 -13.72 13.50
N LYS A 65 8.64 -13.28 12.29
CA LYS A 65 9.83 -12.50 11.98
C LYS A 65 9.49 -11.02 12.09
N PRO A 66 10.48 -10.12 12.03
CA PRO A 66 10.20 -8.68 12.12
C PRO A 66 9.73 -8.11 10.80
N VAL A 67 8.77 -8.78 10.19
CA VAL A 67 8.33 -8.49 8.83
C VAL A 67 6.85 -8.84 8.77
N ILE A 68 6.10 -7.99 8.06
CA ILE A 68 4.70 -8.23 7.76
C ILE A 68 4.59 -8.44 6.25
N ALA A 69 4.06 -9.60 5.83
CA ALA A 69 3.80 -9.84 4.42
C ALA A 69 2.52 -9.12 4.02
N TYR A 70 2.58 -8.49 2.85
CA TYR A 70 1.51 -7.70 2.26
C TYR A 70 1.13 -8.31 0.92
N THR A 71 -0.14 -8.55 0.68
CA THR A 71 -0.62 -8.98 -0.61
C THR A 71 -1.88 -8.22 -0.93
N GLN A 72 -2.02 -7.80 -2.15
CA GLN A 72 -3.13 -6.96 -2.56
C GLN A 72 -3.62 -7.35 -3.92
N LYS A 73 -4.89 -7.19 -4.16
CA LYS A 73 -5.45 -7.32 -5.49
CA LYS A 73 -5.45 -7.33 -5.49
C LYS A 73 -6.58 -6.34 -5.66
N THR A 74 -6.81 -6.02 -6.92
CA THR A 74 -7.90 -5.16 -7.30
C THR A 74 -8.76 -5.79 -8.38
N TRP A 75 -9.97 -5.26 -8.55
CA TRP A 75 -10.92 -5.81 -9.54
C TRP A 75 -11.80 -4.70 -10.03
N LYS A 76 -12.51 -5.01 -11.11
CA LYS A 76 -13.59 -4.14 -11.62
C LYS A 76 -14.81 -4.30 -10.72
N LEU A 77 -15.43 -3.19 -10.32
CA LEU A 77 -16.66 -3.24 -9.42
C LEU A 77 -17.78 -3.98 -9.88
N GLU A 78 -18.06 -3.95 -11.16
CA GLU A 78 -19.35 -4.37 -11.64
CA GLU A 78 -19.39 -4.41 -11.48
C GLU A 78 -19.38 -5.90 -11.70
N SER A 79 -18.25 -6.42 -12.10
CA SER A 79 -18.13 -7.80 -12.42
C SER A 79 -17.30 -8.62 -11.42
N GLY A 80 -16.42 -7.96 -10.66
CA GLY A 80 -15.41 -8.63 -9.93
C GLY A 80 -14.24 -9.15 -10.77
N ALA A 81 -14.16 -8.72 -12.05
CA ALA A 81 -13.07 -9.20 -12.91
C ALA A 81 -11.70 -8.79 -12.38
N PRO A 82 -10.74 -9.72 -12.27
CA PRO A 82 -9.42 -9.30 -11.78
C PRO A 82 -8.82 -8.14 -12.59
N ALA A 83 -8.14 -7.27 -11.86
CA ALA A 83 -7.42 -6.18 -12.43
C ALA A 83 -5.93 -6.33 -12.17
N LEU A 84 -5.41 -5.80 -11.11
CA LEU A 84 -4.00 -5.82 -10.82
C LEU A 84 -3.74 -6.48 -9.47
N ALA A 85 -2.45 -6.64 -9.19
CA ALA A 85 -2.04 -7.23 -7.89
C ALA A 85 -0.68 -6.65 -7.52
N GLU A 86 -0.39 -6.66 -6.23
CA GLU A 86 0.92 -6.34 -5.74
C GLU A 86 1.20 -7.12 -4.50
N SER A 87 2.50 -7.24 -4.17
CA SER A 87 2.86 -7.93 -2.96
CA SER A 87 2.95 -8.13 -3.08
C SER A 87 4.21 -7.48 -2.49
N GLY A 88 4.44 -7.66 -1.19
CA GLY A 88 5.71 -7.26 -0.64
C GLY A 88 5.74 -7.44 0.84
N TYR A 89 6.61 -6.62 1.48
CA TYR A 89 6.99 -6.84 2.88
C TYR A 89 7.19 -5.50 3.55
N PHE A 90 6.63 -5.41 4.76
CA PHE A 90 6.74 -4.22 5.63
C PHE A 90 7.69 -4.59 6.80
N ARG A 91 8.69 -3.73 7.03
CA ARG A 91 9.74 -3.99 8.02
C ARG A 91 9.79 -2.81 9.01
N PRO A 92 8.95 -2.82 10.02
CA PRO A 92 8.93 -1.76 11.04
C PRO A 92 10.06 -1.94 12.03
N ARG A 93 10.51 -0.83 12.61
CA ARG A 93 11.54 -0.85 13.67
C ARG A 93 11.10 0.01 14.82
N PRO A 94 11.65 -0.29 16.01
CA PRO A 94 11.09 0.32 17.26
C PRO A 94 11.39 1.79 17.42
N ASP A 95 12.23 2.38 16.60
CA ASP A 95 12.40 3.83 16.57
C ASP A 95 11.29 4.51 15.78
N GLY A 96 10.31 3.76 15.26
CA GLY A 96 9.26 4.36 14.45
C GLY A 96 9.54 4.45 12.98
N SER A 97 10.72 4.01 12.55
CA SER A 97 11.03 3.94 11.16
C SER A 97 10.46 2.64 10.56
N ILE A 98 10.34 2.66 9.23
CA ILE A 98 9.82 1.50 8.50
C ILE A 98 10.32 1.55 7.09
N GLU A 99 10.64 0.38 6.54
CA GLU A 99 10.86 0.25 5.09
CA GLU A 99 10.95 0.17 5.12
C GLU A 99 9.90 -0.79 4.56
N VAL A 100 9.50 -0.56 3.33
CA VAL A 100 8.53 -1.42 2.65
C VAL A 100 9.06 -1.71 1.26
N VAL A 101 9.02 -2.97 0.85
CA VAL A 101 9.38 -3.34 -0.53
C VAL A 101 8.17 -3.95 -1.18
N ILE A 102 7.91 -3.54 -2.42
CA ILE A 102 6.72 -3.98 -3.15
C ILE A 102 7.09 -4.29 -4.59
N ALA A 103 6.54 -5.41 -5.07
CA ALA A 103 6.55 -5.78 -6.50
C ALA A 103 5.13 -5.72 -6.99
N CYS A 104 4.93 -5.25 -8.22
CA CYS A 104 3.59 -5.09 -8.79
CA CYS A 104 3.56 -5.25 -8.68
CA CYS A 104 3.62 -5.02 -8.78
C CYS A 104 3.44 -5.93 -10.04
N SER A 105 2.22 -6.36 -10.30
CA SER A 105 1.94 -7.19 -11.46
C SER A 105 2.17 -6.50 -12.78
N THR A 106 2.19 -5.17 -12.77
CA THR A 106 2.51 -4.42 -13.97
C THR A 106 3.99 -4.45 -14.32
N GLY A 107 4.83 -4.96 -13.43
CA GLY A 107 6.24 -5.03 -13.66
C GLY A 107 7.06 -3.97 -13.03
N LEU A 108 6.60 -3.32 -12.01
CA LEU A 108 7.40 -2.36 -11.25
C LEU A 108 7.83 -2.93 -9.92
N VAL A 109 8.87 -2.35 -9.36
CA VAL A 109 9.22 -2.54 -7.96
C VAL A 109 9.36 -1.18 -7.31
N GLU A 110 9.21 -1.19 -5.98
CA GLU A 110 9.37 0.03 -5.18
C GLU A 110 10.09 -0.31 -3.90
N VAL A 111 10.98 0.59 -3.49
CA VAL A 111 11.53 0.62 -2.12
C VAL A 111 10.98 1.87 -1.48
N GLN A 112 10.19 1.69 -0.41
CA GLN A 112 9.54 2.76 0.30
C GLN A 112 10.16 2.90 1.68
N LYS A 113 10.39 4.13 2.14
CA LYS A 113 10.91 4.37 3.49
C LYS A 113 10.10 5.44 4.16
N GLY A 114 9.96 5.34 5.47
CA GLY A 114 9.26 6.37 6.20
C GLY A 114 9.11 6.01 7.65
N THR A 115 7.94 6.37 8.20
CA THR A 115 7.72 6.31 9.62
C THR A 115 6.30 5.80 9.88
N TYR A 116 6.11 5.25 11.07
CA TYR A 116 4.77 4.97 11.56
C TYR A 116 4.57 5.72 12.88
N ASN A 117 3.32 6.01 13.15
CA ASN A 117 2.91 6.80 14.33
C ASN A 117 1.87 6.02 15.05
N VAL A 118 2.19 5.62 16.27
CA VAL A 118 1.28 4.80 17.06
C VAL A 118 0.04 5.56 17.50
N ASP A 119 0.15 6.81 17.84
CA ASP A 119 -1.02 7.55 18.29
C ASP A 119 -1.99 7.76 17.20
N GLU A 120 -1.50 7.98 16.01
CA GLU A 120 -2.38 8.21 14.88
C GLU A 120 -2.77 6.93 14.13
N GLN A 121 -2.10 5.84 14.42
CA GLN A 121 -2.28 4.60 13.64
C GLN A 121 -2.09 4.94 12.14
N SER A 122 -0.97 5.60 11.84
CA SER A 122 -0.62 6.02 10.49
C SER A 122 0.75 5.49 10.12
N ILE A 123 0.94 5.37 8.81
CA ILE A 123 2.21 4.94 8.19
C ILE A 123 2.40 5.85 7.00
N LYS A 124 3.55 6.54 6.93
CA LYS A 124 3.83 7.47 5.87
C LYS A 124 5.14 7.07 5.20
N LEU A 125 5.06 6.83 3.89
CA LEU A 125 6.17 6.26 3.13
C LEU A 125 6.41 7.11 1.88
N LYS A 126 7.68 7.21 1.49
CA LYS A 126 8.06 7.76 0.20
C LYS A 126 9.10 6.88 -0.44
N SER A 127 9.08 6.79 -1.79
CA SER A 127 9.98 5.89 -2.45
C SER A 127 11.42 6.39 -2.42
N ASP A 128 12.34 5.51 -2.11
CA ASP A 128 13.73 5.69 -2.34
CA ASP A 128 13.73 5.67 -2.35
C ASP A 128 14.13 5.23 -3.74
N LEU A 129 13.32 4.30 -4.30
CA LEU A 129 13.60 3.73 -5.58
C LEU A 129 12.26 3.30 -6.22
N VAL A 130 12.11 3.54 -7.49
CA VAL A 130 11.07 2.92 -8.32
C VAL A 130 11.78 2.26 -9.48
N GLY A 131 11.60 0.96 -9.65
CA GLY A 131 12.32 0.22 -10.66
C GLY A 131 11.40 -0.24 -11.77
N ASN A 132 11.98 -0.18 -12.98
CA ASN A 132 11.33 -0.69 -14.20
C ASN A 132 10.16 0.11 -14.64
N ALA A 133 10.08 1.39 -14.23
CA ALA A 133 8.97 2.22 -14.63
C ALA A 133 9.27 2.97 -15.90
N SER A 134 8.29 3.09 -16.77
CA SER A 134 8.49 3.90 -17.93
C SER A 134 8.26 5.36 -17.72
N LYS A 135 7.39 5.72 -16.81
CA LYS A 135 7.05 7.11 -16.58
C LYS A 135 7.08 7.51 -15.10
N VAL A 136 6.62 6.72 -14.17
CA VAL A 136 6.58 7.11 -12.79
C VAL A 136 8.00 7.27 -12.27
N LYS A 137 8.18 8.36 -11.50
CA LYS A 137 9.46 8.69 -10.89
CA LYS A 137 9.47 8.69 -10.89
C LYS A 137 9.49 8.44 -9.39
N GLU A 138 8.51 9.01 -8.64
CA GLU A 138 8.39 8.76 -7.22
C GLU A 138 6.97 8.33 -6.93
N ILE A 139 6.86 7.56 -5.87
CA ILE A 139 5.58 7.08 -5.33
C ILE A 139 5.59 7.33 -3.84
N SER A 140 4.54 7.94 -3.31
CA SER A 140 4.37 7.99 -1.87
C SER A 140 3.12 7.23 -1.50
N ARG A 141 3.14 6.61 -0.33
CA ARG A 141 2.03 5.82 0.16
C ARG A 141 1.77 6.20 1.60
N GLU A 142 0.52 6.51 1.94
CA GLU A 142 0.19 6.84 3.31
C GLU A 142 -1.01 6.03 3.71
N PHE A 143 -0.91 5.34 4.83
CA PHE A 143 -1.99 4.61 5.42
C PHE A 143 -2.44 5.27 6.70
N GLU A 144 -3.72 5.15 6.99
CA GLU A 144 -4.24 5.63 8.27
C GLU A 144 -5.42 4.75 8.65
N LEU A 145 -5.46 4.30 9.90
CA LEU A 145 -6.64 3.64 10.42
C LEU A 145 -7.60 4.72 10.87
N VAL A 146 -8.81 4.68 10.32
CA VAL A 146 -9.84 5.72 10.56
C VAL A 146 -11.09 4.99 10.98
N ASP A 147 -11.47 5.16 12.25
CA ASP A 147 -12.60 4.42 12.83
C ASP A 147 -12.52 2.94 12.52
N GLY A 148 -11.32 2.37 12.64
CA GLY A 148 -11.12 0.95 12.43
C GLY A 148 -11.05 0.50 10.97
N LYS A 149 -11.18 1.42 10.02
CA LYS A 149 -11.07 1.12 8.59
C LYS A 149 -9.67 1.52 8.13
N LEU A 150 -9.14 0.81 7.13
CA LEU A 150 -7.85 1.15 6.58
C LEU A 150 -8.04 2.06 5.40
N SER A 151 -7.48 3.27 5.51
CA SER A 151 -7.46 4.21 4.40
C SER A 151 -6.06 4.30 3.87
N TYR A 152 -5.96 4.58 2.58
CA TYR A 152 -4.67 5.10 2.08
C TYR A 152 -4.83 6.13 0.98
N VAL A 153 -3.75 6.87 0.77
CA VAL A 153 -3.58 7.72 -0.38
C VAL A 153 -2.22 7.20 -1.07
N VAL A 154 -2.23 6.94 -2.38
CA VAL A 154 -1.00 6.81 -3.17
C VAL A 154 -0.85 8.07 -3.99
N ARG A 155 0.32 8.69 -3.93
CA ARG A 155 0.67 9.82 -4.77
C ARG A 155 1.77 9.40 -5.70
N LEU A 156 1.77 9.95 -6.91
CA LEU A 156 2.76 9.61 -7.94
C LEU A 156 3.29 10.90 -8.57
N SER A 157 4.56 10.87 -8.99
CA SER A 157 5.14 11.90 -9.83
C SER A 157 5.60 11.25 -11.13
N THR A 158 5.77 12.10 -12.12
CA THR A 158 6.45 11.73 -13.35
C THR A 158 7.44 12.88 -13.67
N THR A 159 8.19 12.75 -14.75
CA THR A 159 9.13 13.77 -15.13
C THR A 159 8.48 15.14 -15.26
N THR A 160 7.22 15.15 -15.73
CA THR A 160 6.53 16.40 -15.98
C THR A 160 5.39 16.70 -15.00
N ASN A 161 4.97 15.73 -14.19
CA ASN A 161 3.88 15.94 -13.27
C ASN A 161 4.40 15.79 -11.83
N PRO A 162 4.37 16.84 -11.00
CA PRO A 162 4.87 16.69 -9.63
C PRO A 162 4.00 15.76 -8.80
N LEU A 163 4.57 15.26 -7.73
CA LEU A 163 3.90 14.35 -6.83
C LEU A 163 2.53 14.84 -6.47
N GLN A 164 1.52 14.00 -6.70
CA GLN A 164 0.15 14.39 -6.46
C GLN A 164 -0.68 13.14 -6.34
N PRO A 165 -1.88 13.24 -5.73
CA PRO A 165 -2.73 12.06 -5.56
C PRO A 165 -3.02 11.33 -6.86
N ALA A 166 -3.04 10.01 -6.78
CA ALA A 166 -3.37 9.13 -7.87
C ALA A 166 -4.42 8.10 -7.47
N LEU A 167 -4.31 7.51 -6.28
CA LEU A 167 -5.23 6.47 -5.85
C LEU A 167 -5.63 6.76 -4.40
N LYS A 168 -6.88 6.48 -4.06
CA LYS A 168 -7.27 6.51 -2.64
CA LYS A 168 -7.41 6.65 -2.67
C LYS A 168 -8.35 5.47 -2.43
N ALA A 169 -8.25 4.78 -1.30
CA ALA A 169 -9.18 3.71 -1.00
C ALA A 169 -9.45 3.63 0.48
N ILE A 170 -10.57 3.02 0.82
CA ILE A 170 -10.92 2.71 2.19
C ILE A 170 -11.38 1.28 2.24
N LEU A 171 -10.87 0.53 3.19
CA LEU A 171 -11.15 -0.90 3.32
C LEU A 171 -11.62 -1.24 4.71
N ASP A 172 -12.62 -2.11 4.79
CA ASP A 172 -13.09 -2.64 6.06
C ASP A 172 -12.36 -3.90 6.43
N LYS A 173 -12.15 -4.08 7.73
CA LYS A 173 -11.51 -5.28 8.22
C LYS A 173 -12.49 -6.42 8.21
N LEU A 174 -12.11 -7.54 7.68
CA LEU A 174 -12.97 -8.71 7.60
C LEU A 174 -12.89 -9.55 8.83
C1 GOL B . -16.30 -3.53 -1.32
O1 GOL B . -16.81 -2.22 -1.42
C2 GOL B . -16.62 -4.37 -2.54
O2 GOL B . -16.17 -5.69 -2.26
C3 GOL B . -15.98 -3.85 -3.76
O3 GOL B . -16.33 -4.67 -4.90
C1 GOL C . 7.78 -13.06 6.01
O1 GOL C . 8.61 -13.18 7.22
C2 GOL C . 6.54 -14.00 5.88
O2 GOL C . 5.88 -14.17 4.60
C3 GOL C . 5.56 -13.60 6.95
O3 GOL C . 4.27 -14.26 6.71
C1 GOL D . -5.48 -11.54 -2.11
O1 GOL D . -4.39 -11.69 -3.06
C2 GOL D . -5.13 -10.82 -0.85
O2 GOL D . -5.01 -9.53 -1.17
C3 GOL D . -6.29 -10.76 0.09
O3 GOL D . -6.63 -11.88 0.60
C1 GOL E . -15.40 -0.54 11.54
O1 GOL E . -15.44 -0.91 10.11
C2 GOL E . -16.32 0.61 11.87
O2 GOL E . -15.99 1.71 11.11
C3 GOL E . -16.42 0.89 13.36
O3 GOL E . -17.49 1.84 13.64
#